data_1SRG
#
_entry.id   1SRG
#
_cell.length_a   95.200
_cell.length_b   106.500
_cell.length_c   47.900
_cell.angle_alpha   90.00
_cell.angle_beta   90.00
_cell.angle_gamma   90.00
#
_symmetry.space_group_name_H-M   'I 2 2 2'
#
loop_
_entity.id
_entity.type
_entity.pdbx_description
1 polymer STREPTAVIDIN
2 non-polymer "2-((3'-METHYL-4'-HYDROXYPHENYL)AZO)BENZOIC ACID"
3 water water
#
_entity_poly.entity_id   1
_entity_poly.type   'polypeptide(L)'
_entity_poly.pdbx_seq_one_letter_code
;AEAGITGTWYNQLGSTFIVTAGADGALTGTYESAVGNAESRYVLTGRYDSAPATDGSGTALGWTVAWKNNYRNAHSATTW
SGQYVGGAEARINTQWLLTSGTTEANAWKSTLVGHDTFTKV
;
_entity_poly.pdbx_strand_id   A,B
#
loop_
_chem_comp.id
_chem_comp.type
_chem_comp.name
_chem_comp.formula
MHB non-polymer '2-((3'-METHYL-4'-HYDROXYPHENYL)AZO)BENZOIC ACID' 'C14 H12 N2 O3'
#
# COMPACT_ATOMS: atom_id res chain seq x y z
N ALA A 3 9.60 12.12 13.53
CA ALA A 3 9.16 13.52 13.73
C ALA A 3 8.73 14.08 12.38
N GLY A 4 9.63 13.84 11.44
CA GLY A 4 9.56 14.26 10.07
C GLY A 4 8.21 13.90 9.45
N ILE A 5 7.96 12.63 9.29
CA ILE A 5 6.70 12.14 8.68
C ILE A 5 5.48 12.37 9.53
N THR A 6 5.59 12.14 10.86
CA THR A 6 4.43 12.29 11.75
C THR A 6 3.84 13.71 11.63
N GLY A 7 2.54 13.78 11.52
CA GLY A 7 1.86 15.08 11.47
C GLY A 7 0.62 15.03 10.57
N THR A 8 0.21 16.25 10.21
CA THR A 8 -0.99 16.41 9.34
C THR A 8 -0.50 16.92 7.98
N TRP A 9 -1.07 16.33 6.93
CA TRP A 9 -0.64 16.65 5.54
C TRP A 9 -1.88 16.82 4.66
N TYR A 10 -1.74 17.63 3.61
CA TYR A 10 -2.93 17.72 2.69
C TYR A 10 -2.44 17.55 1.27
N ASN A 11 -3.32 17.07 0.41
CA ASN A 11 -2.97 16.92 -1.01
C ASN A 11 -3.68 18.02 -1.80
N GLN A 12 -3.44 17.96 -3.10
CA GLN A 12 -3.98 18.99 -4.03
C GLN A 12 -5.46 18.89 -4.19
N LEU A 13 -6.11 17.78 -3.85
CA LEU A 13 -7.58 17.68 -3.93
C LEU A 13 -8.24 18.23 -2.64
N GLY A 14 -7.46 18.52 -1.64
CA GLY A 14 -8.00 18.97 -0.35
C GLY A 14 -8.19 17.84 0.65
N SER A 15 -7.73 16.63 0.42
CA SER A 15 -7.85 15.50 1.36
C SER A 15 -6.83 15.73 2.50
N THR A 16 -7.13 15.10 3.62
CA THR A 16 -6.29 15.25 4.85
C THR A 16 -5.77 13.83 5.23
N PHE A 17 -4.53 13.75 5.54
CA PHE A 17 -3.85 12.49 5.99
C PHE A 17 -3.19 12.81 7.33
N ILE A 18 -3.59 12.07 8.37
CA ILE A 18 -2.98 12.28 9.72
C ILE A 18 -2.19 11.02 10.06
N VAL A 19 -0.90 11.15 10.31
CA VAL A 19 -0.12 9.86 10.42
C VAL A 19 0.88 9.93 11.56
N THR A 20 1.17 8.77 12.15
CA THR A 20 2.25 8.71 13.15
C THR A 20 3.27 7.67 12.63
N ALA A 21 4.53 7.97 12.63
CA ALA A 21 5.59 7.03 12.21
C ALA A 21 6.14 6.37 13.47
N GLY A 22 5.99 5.08 13.61
CA GLY A 22 6.53 4.31 14.77
C GLY A 22 8.03 4.01 14.54
N ALA A 23 8.73 3.80 15.68
CA ALA A 23 10.19 3.58 15.55
C ALA A 23 10.50 2.27 14.83
N ASP A 24 9.52 1.39 14.73
CA ASP A 24 9.71 0.10 14.04
C ASP A 24 9.38 0.13 12.55
N GLY A 25 9.09 1.27 12.00
CA GLY A 25 8.78 1.33 10.52
C GLY A 25 7.30 1.31 10.26
N ALA A 26 6.43 1.24 11.26
CA ALA A 26 4.99 1.23 11.04
C ALA A 26 4.42 2.61 10.79
N LEU A 27 3.40 2.69 9.92
CA LEU A 27 2.65 3.97 9.75
C LEU A 27 1.20 3.64 10.15
N THR A 28 0.60 4.50 10.95
CA THR A 28 -0.81 4.35 11.35
C THR A 28 -1.44 5.73 11.36
N GLY A 29 -2.70 5.81 11.07
CA GLY A 29 -3.42 7.12 11.10
C GLY A 29 -4.76 7.00 10.46
N THR A 30 -5.27 8.16 10.00
CA THR A 30 -6.59 8.22 9.38
C THR A 30 -6.52 9.13 8.13
N TYR A 31 -7.38 8.79 7.21
CA TYR A 31 -7.49 9.57 5.95
C TYR A 31 -8.86 10.19 5.81
N GLU A 32 -8.83 11.47 5.43
CA GLU A 32 -10.12 12.19 5.18
C GLU A 32 -10.17 12.68 3.75
N SER A 33 -10.99 12.03 2.94
CA SER A 33 -11.11 12.24 1.53
C SER A 33 -12.05 13.34 1.09
N ALA A 34 -11.59 14.06 0.08
CA ALA A 34 -12.38 15.14 -0.51
C ALA A 34 -13.16 14.65 -1.73
N VAL A 35 -12.82 13.51 -2.29
CA VAL A 35 -13.41 12.99 -3.53
C VAL A 35 -13.84 11.53 -3.46
N GLY A 36 -14.63 11.13 -4.45
CA GLY A 36 -15.12 9.74 -4.56
C GLY A 36 -16.43 9.53 -3.80
N ASN A 37 -16.70 8.26 -3.60
CA ASN A 37 -17.95 7.82 -2.89
C ASN A 37 -17.64 7.80 -1.38
N ALA A 38 -17.21 8.93 -0.88
CA ALA A 38 -16.69 9.21 0.42
C ALA A 38 -17.53 9.79 1.54
N GLU A 39 -17.10 9.51 2.76
CA GLU A 39 -17.67 10.14 3.95
C GLU A 39 -16.97 9.76 5.23
N SER A 40 -16.63 10.81 5.99
CA SER A 40 -15.95 10.64 7.27
C SER A 40 -14.52 10.15 7.03
N ARG A 41 -13.89 9.71 8.10
CA ARG A 41 -12.49 9.28 8.02
C ARG A 41 -12.38 7.79 7.88
N TYR A 42 -11.22 7.37 7.36
CA TYR A 42 -10.94 5.94 7.12
C TYR A 42 -9.60 5.58 7.75
N VAL A 43 -9.44 4.37 8.20
CA VAL A 43 -8.19 3.88 8.79
C VAL A 43 -7.12 3.70 7.68
N LEU A 44 -5.88 4.05 8.00
CA LEU A 44 -4.78 3.75 7.04
C LEU A 44 -3.72 2.94 7.83
N THR A 45 -2.91 2.25 7.06
CA THR A 45 -1.76 1.50 7.60
C THR A 45 -0.70 1.41 6.48
N GLY A 46 0.56 1.53 6.91
CA GLY A 46 1.64 1.47 5.89
C GLY A 46 2.95 1.19 6.56
N ARG A 47 4.00 1.34 5.78
CA ARG A 47 5.38 1.10 6.31
C ARG A 47 6.29 2.17 5.70
N TYR A 48 7.42 2.42 6.35
CA TYR A 48 8.41 3.40 5.79
C TYR A 48 9.82 2.94 6.15
N ASP A 49 10.80 3.48 5.43
CA ASP A 49 12.23 3.12 5.71
C ASP A 49 12.63 3.91 6.98
N SER A 50 12.84 3.17 8.07
CA SER A 50 13.14 3.82 9.36
C SER A 50 14.61 4.11 9.54
N ALA A 51 15.40 3.85 8.53
CA ALA A 51 16.85 4.14 8.50
C ALA A 51 17.27 4.48 7.07
N PRO A 52 16.79 5.60 6.59
CA PRO A 52 17.11 6.04 5.20
C PRO A 52 18.59 6.39 5.06
N ALA A 53 18.98 6.65 3.83
CA ALA A 53 20.36 6.99 3.44
C ALA A 53 20.74 8.42 3.80
N SER A 57 19.04 11.78 -0.24
CA SER A 57 17.89 10.97 -0.74
C SER A 57 16.64 11.12 0.14
N GLY A 58 15.51 10.90 -0.50
CA GLY A 58 14.20 10.88 0.17
C GLY A 58 14.05 9.53 0.91
N THR A 59 12.99 9.45 1.69
CA THR A 59 12.67 8.27 2.50
C THR A 59 11.49 7.53 1.84
N ALA A 60 11.72 6.31 1.48
CA ALA A 60 10.69 5.48 0.83
C ALA A 60 9.58 5.13 1.81
N LEU A 61 8.34 5.16 1.28
CA LEU A 61 7.20 4.75 2.14
C LEU A 61 6.01 4.35 1.29
N GLY A 62 4.99 3.76 1.97
CA GLY A 62 3.76 3.45 1.25
C GLY A 62 2.64 3.23 2.25
N TRP A 63 1.41 3.41 1.83
CA TRP A 63 0.27 3.12 2.77
C TRP A 63 -0.95 2.76 1.92
N THR A 64 -1.92 2.16 2.59
CA THR A 64 -3.18 1.72 2.03
C THR A 64 -4.37 2.24 2.87
N VAL A 65 -5.45 2.49 2.17
CA VAL A 65 -6.76 2.76 2.68
C VAL A 65 -7.78 1.87 1.93
N ALA A 66 -8.58 1.12 2.67
CA ALA A 66 -9.76 0.44 2.07
C ALA A 66 -10.92 1.40 2.39
N TRP A 67 -11.69 1.73 1.39
CA TRP A 67 -12.72 2.78 1.49
C TRP A 67 -14.03 2.18 2.07
N LYS A 68 -13.82 1.75 3.29
CA LYS A 68 -14.97 1.21 4.12
C LYS A 68 -14.81 1.79 5.52
N ASN A 69 -15.89 2.45 5.98
CA ASN A 69 -15.92 2.85 7.42
C ASN A 69 -17.33 2.47 7.95
N ASN A 70 -17.67 3.05 9.10
CA ASN A 70 -18.99 2.71 9.71
C ASN A 70 -20.14 3.30 8.93
N TYR A 71 -19.89 4.21 8.03
CA TYR A 71 -20.90 4.92 7.26
C TYR A 71 -21.02 4.57 5.81
N ARG A 72 -19.93 4.29 5.10
CA ARG A 72 -20.03 3.97 3.66
C ARG A 72 -19.07 2.85 3.28
N ASN A 73 -19.36 2.22 2.17
CA ASN A 73 -18.46 1.18 1.62
C ASN A 73 -18.44 1.32 0.09
N ALA A 74 -17.26 1.65 -0.43
CA ALA A 74 -17.13 1.81 -1.90
C ALA A 74 -16.60 0.56 -2.53
N HIS A 75 -16.26 -0.44 -1.73
CA HIS A 75 -15.70 -1.70 -2.30
C HIS A 75 -14.49 -1.39 -3.20
N SER A 76 -13.54 -0.68 -2.60
CA SER A 76 -12.32 -0.25 -3.34
C SER A 76 -11.22 0.05 -2.33
N ALA A 77 -9.97 0.08 -2.79
CA ALA A 77 -8.83 0.40 -1.95
C ALA A 77 -7.76 1.17 -2.83
N THR A 78 -7.11 2.07 -2.15
CA THR A 78 -6.01 2.84 -2.81
C THR A 78 -4.71 2.55 -2.07
N THR A 79 -3.61 2.40 -2.79
CA THR A 79 -2.28 2.33 -2.22
C THR A 79 -1.42 3.51 -2.76
N TRP A 80 -0.74 4.19 -1.89
CA TRP A 80 0.14 5.32 -2.37
C TRP A 80 1.59 4.82 -2.09
N SER A 81 2.42 4.99 -3.10
CA SER A 81 3.86 4.59 -3.00
C SER A 81 4.65 5.87 -3.28
N GLY A 82 5.61 6.23 -2.39
CA GLY A 82 6.33 7.51 -2.77
C GLY A 82 7.50 7.68 -1.82
N GLN A 83 7.89 8.94 -1.74
CA GLN A 83 9.04 9.24 -0.81
C GLN A 83 8.77 10.56 -0.11
N TYR A 84 9.28 10.64 1.10
CA TYR A 84 9.17 11.84 1.96
C TYR A 84 10.48 12.65 1.74
N VAL A 85 10.32 13.94 1.58
CA VAL A 85 11.49 14.83 1.36
C VAL A 85 11.42 15.96 2.37
N GLY A 86 12.37 16.01 3.28
CA GLY A 86 12.40 17.03 4.34
C GLY A 86 13.04 18.32 3.82
N GLY A 87 12.89 19.35 4.63
CA GLY A 87 13.46 20.69 4.30
C GLY A 87 12.53 21.76 4.87
N ALA A 88 12.71 22.95 4.32
CA ALA A 88 11.86 24.09 4.78
C ALA A 88 10.44 23.60 4.48
N GLU A 89 10.30 23.14 3.25
CA GLU A 89 9.06 22.63 2.70
C GLU A 89 9.04 21.11 2.56
N ALA A 90 8.57 20.46 3.60
CA ALA A 90 8.45 18.99 3.66
C ALA A 90 7.36 18.56 2.67
N ARG A 91 7.62 17.53 1.92
CA ARG A 91 6.65 16.99 0.95
C ARG A 91 6.74 15.46 0.87
N ILE A 92 5.56 14.89 0.54
CA ILE A 92 5.49 13.45 0.24
C ILE A 92 4.99 13.38 -1.22
N ASN A 93 5.84 12.92 -2.09
CA ASN A 93 5.48 12.79 -3.54
C ASN A 93 5.08 11.33 -3.80
N THR A 94 3.91 11.10 -4.38
CA THR A 94 3.46 9.74 -4.58
C THR A 94 2.87 9.49 -5.98
N GLN A 95 2.78 8.18 -6.21
CA GLN A 95 1.92 7.68 -7.33
C GLN A 95 0.97 6.71 -6.63
N TRP A 96 -0.22 6.52 -7.14
CA TRP A 96 -1.19 5.67 -6.42
C TRP A 96 -1.92 4.78 -7.40
N LEU A 97 -2.48 3.72 -6.80
CA LEU A 97 -3.33 2.79 -7.61
C LEU A 97 -4.65 2.63 -6.83
N LEU A 98 -5.75 2.78 -7.46
CA LEU A 98 -7.09 2.63 -6.85
C LEU A 98 -7.72 1.40 -7.52
N THR A 99 -7.91 0.32 -6.80
CA THR A 99 -8.59 -0.85 -7.41
C THR A 99 -10.02 -1.01 -6.84
N SER A 100 -10.94 -1.25 -7.74
CA SER A 100 -12.35 -1.52 -7.39
C SER A 100 -12.63 -3.00 -7.46
N GLY A 101 -13.51 -3.50 -6.56
CA GLY A 101 -13.84 -4.98 -6.66
C GLY A 101 -14.77 -5.07 -7.89
N THR A 102 -14.50 -6.02 -8.75
CA THR A 102 -15.31 -6.18 -9.97
C THR A 102 -15.56 -7.66 -10.26
N THR A 103 -16.48 -7.83 -11.26
CA THR A 103 -16.66 -9.26 -11.73
C THR A 103 -15.46 -9.58 -12.60
N GLU A 104 -15.29 -10.84 -12.96
CA GLU A 104 -14.16 -11.31 -13.76
C GLU A 104 -14.12 -10.62 -15.12
N ALA A 105 -15.26 -10.43 -15.70
CA ALA A 105 -15.41 -9.82 -17.04
C ALA A 105 -14.97 -8.37 -17.08
N ASN A 106 -15.03 -7.67 -15.96
CA ASN A 106 -14.65 -6.27 -15.86
C ASN A 106 -13.31 -6.03 -15.18
N ALA A 107 -12.62 -7.04 -14.77
CA ALA A 107 -11.37 -6.90 -14.00
C ALA A 107 -10.29 -6.13 -14.75
N TRP A 108 -10.34 -6.25 -16.10
CA TRP A 108 -9.31 -5.56 -16.92
C TRP A 108 -9.41 -4.07 -16.71
N LYS A 109 -10.54 -3.50 -16.33
CA LYS A 109 -10.69 -2.07 -16.10
C LYS A 109 -10.96 -1.70 -14.65
N SER A 110 -10.32 -2.43 -13.75
CA SER A 110 -10.55 -2.27 -12.28
C SER A 110 -9.61 -1.30 -11.61
N THR A 111 -8.56 -0.87 -12.29
CA THR A 111 -7.52 -0.08 -11.60
C THR A 111 -7.15 1.24 -12.24
N LEU A 112 -7.29 2.32 -11.46
CA LEU A 112 -6.91 3.67 -11.87
C LEU A 112 -5.48 3.94 -11.32
N VAL A 113 -4.79 4.83 -12.06
CA VAL A 113 -3.41 5.23 -11.57
C VAL A 113 -3.41 6.75 -11.54
N GLY A 114 -2.68 7.37 -10.62
CA GLY A 114 -2.64 8.82 -10.50
C GLY A 114 -1.40 9.22 -9.70
N HIS A 115 -1.32 10.49 -9.38
CA HIS A 115 -0.19 11.00 -8.58
C HIS A 115 -0.76 12.09 -7.64
N ASP A 116 -0.21 12.08 -6.40
CA ASP A 116 -0.65 13.07 -5.39
C ASP A 116 0.64 13.62 -4.72
N THR A 117 0.53 14.88 -4.36
CA THR A 117 1.66 15.57 -3.66
C THR A 117 1.06 16.09 -2.34
N PHE A 118 1.71 15.72 -1.23
CA PHE A 118 1.20 16.14 0.09
C PHE A 118 2.10 17.21 0.71
N THR A 119 1.45 18.21 1.27
CA THR A 119 2.17 19.32 1.96
C THR A 119 1.88 19.24 3.44
N LYS A 120 2.95 19.36 4.25
CA LYS A 120 2.78 19.24 5.72
C LYS A 120 2.30 20.55 6.34
N VAL A 121 1.38 20.42 7.27
CA VAL A 121 0.80 21.51 8.04
C VAL A 121 1.15 21.30 9.56
N ALA B 3 -10.17 -16.00 6.61
CA ALA B 3 -10.32 -17.43 6.21
C ALA B 3 -9.92 -17.56 4.75
N GLY B 4 -10.70 -16.91 3.90
CA GLY B 4 -10.44 -16.87 2.46
C GLY B 4 -9.08 -16.26 2.16
N ILE B 5 -8.89 -15.03 2.64
CA ILE B 5 -7.62 -14.31 2.35
C ILE B 5 -6.49 -14.82 3.23
N THR B 6 -6.83 -15.16 4.48
CA THR B 6 -5.84 -15.68 5.43
C THR B 6 -5.18 -16.94 4.90
N GLY B 7 -3.87 -16.97 4.87
CA GLY B 7 -3.13 -18.16 4.38
C GLY B 7 -1.76 -17.78 3.85
N THR B 8 -1.17 -18.72 3.15
CA THR B 8 0.15 -18.57 2.50
C THR B 8 -0.09 -18.58 0.96
N TRP B 9 0.45 -17.59 0.30
CA TRP B 9 0.29 -17.42 -1.17
C TRP B 9 1.70 -17.23 -1.78
N TYR B 10 1.74 -17.52 -3.09
CA TYR B 10 3.04 -17.39 -3.81
C TYR B 10 2.82 -16.63 -5.12
N ASN B 11 3.81 -15.79 -5.49
CA ASN B 11 3.60 -15.07 -6.78
C ASN B 11 4.38 -15.89 -7.85
N GLN B 12 4.39 -15.32 -9.02
CA GLN B 12 5.10 -15.89 -10.19
C GLN B 12 6.58 -15.96 -9.99
N LEU B 13 7.21 -15.10 -9.23
CA LEU B 13 8.62 -15.06 -8.93
C LEU B 13 9.01 -16.13 -7.90
N GLY B 14 8.04 -16.60 -7.15
CA GLY B 14 8.26 -17.59 -6.07
C GLY B 14 8.36 -16.93 -4.70
N SER B 15 8.03 -15.66 -4.60
CA SER B 15 7.99 -14.95 -3.26
C SER B 15 6.83 -15.53 -2.45
N THR B 16 6.94 -15.46 -1.10
CA THR B 16 5.91 -16.06 -0.23
C THR B 16 5.24 -14.95 0.60
N PHE B 17 3.95 -14.92 0.52
CA PHE B 17 3.14 -13.88 1.24
C PHE B 17 2.32 -14.63 2.29
N ILE B 18 2.66 -14.46 3.55
CA ILE B 18 1.90 -15.04 4.67
C ILE B 18 1.02 -13.93 5.30
N VAL B 19 -0.29 -14.13 5.18
CA VAL B 19 -1.16 -13.03 5.68
C VAL B 19 -2.25 -13.51 6.62
N THR B 20 -2.61 -12.59 7.51
CA THR B 20 -3.79 -12.77 8.39
C THR B 20 -4.78 -11.60 8.12
N ALA B 21 -6.00 -11.95 7.78
CA ALA B 21 -7.05 -10.93 7.57
C ALA B 21 -7.92 -10.81 8.82
N GLY B 22 -7.91 -9.68 9.44
CA GLY B 22 -8.71 -9.33 10.63
C GLY B 22 -10.16 -9.07 10.24
N ALA B 23 -11.04 -9.25 11.26
CA ALA B 23 -12.48 -9.16 11.00
C ALA B 23 -12.86 -7.75 10.61
N ASP B 24 -12.12 -6.79 11.06
CA ASP B 24 -12.26 -5.36 10.93
C ASP B 24 -11.66 -4.72 9.66
N GLY B 25 -10.95 -5.47 8.86
CA GLY B 25 -10.32 -4.94 7.63
C GLY B 25 -8.81 -4.87 7.69
N ALA B 26 -8.15 -5.37 8.71
CA ALA B 26 -6.66 -5.28 8.74
C ALA B 26 -6.03 -6.47 8.03
N LEU B 27 -4.90 -6.23 7.35
CA LEU B 27 -4.07 -7.34 6.80
C LEU B 27 -2.74 -7.26 7.57
N THR B 28 -2.24 -8.34 8.09
CA THR B 28 -0.93 -8.28 8.77
C THR B 28 -0.15 -9.52 8.34
N GLY B 29 1.17 -9.42 8.32
CA GLY B 29 1.92 -10.69 7.98
C GLY B 29 3.35 -10.45 7.63
N THR B 30 3.86 -11.41 6.86
CA THR B 30 5.30 -11.39 6.45
C THR B 30 5.42 -11.74 4.96
N TYR B 31 6.45 -11.15 4.36
CA TYR B 31 6.71 -11.37 2.91
C TYR B 31 8.15 -11.81 2.79
N GLU B 32 8.37 -12.91 2.09
CA GLU B 32 9.73 -13.43 1.85
C GLU B 32 9.97 -13.39 0.33
N SER B 33 10.93 -12.58 -0.03
CA SER B 33 11.14 -12.32 -1.47
C SER B 33 12.09 -13.32 -2.08
N ALA B 34 11.89 -13.54 -3.37
CA ALA B 34 12.77 -14.43 -4.15
C ALA B 34 13.64 -13.58 -5.09
N VAL B 35 13.59 -12.27 -4.95
CA VAL B 35 14.28 -11.33 -5.81
C VAL B 35 14.64 -9.97 -5.20
N GLY B 36 15.45 -9.27 -6.00
CA GLY B 36 16.01 -7.96 -5.64
C GLY B 36 17.10 -8.14 -4.57
N ASN B 37 17.48 -6.99 -4.03
CA ASN B 37 18.47 -6.82 -2.97
C ASN B 37 17.93 -7.40 -1.65
N ALA B 38 17.55 -8.65 -1.69
CA ALA B 38 16.87 -9.35 -0.60
C ALA B 38 17.66 -10.23 0.33
N GLU B 39 17.01 -10.48 1.46
CA GLU B 39 17.55 -11.44 2.45
C GLU B 39 16.65 -11.46 3.68
N SER B 40 15.86 -12.53 3.75
CA SER B 40 14.97 -12.84 4.84
C SER B 40 13.53 -12.38 4.55
N ARG B 41 12.82 -12.26 5.68
CA ARG B 41 11.41 -11.87 5.63
C ARG B 41 11.31 -10.40 5.98
N TYR B 42 10.20 -9.84 5.47
CA TYR B 42 9.91 -8.43 5.77
C TYR B 42 8.47 -8.37 6.28
N VAL B 43 8.24 -7.33 7.08
CA VAL B 43 6.90 -7.09 7.64
C VAL B 43 5.99 -6.42 6.63
N LEU B 44 4.74 -6.82 6.59
CA LEU B 44 3.78 -6.08 5.73
C LEU B 44 2.55 -5.69 6.60
N THR B 45 1.85 -4.71 6.10
CA THR B 45 0.59 -4.22 6.66
C THR B 45 -0.27 -3.75 5.51
N GLY B 46 -1.58 -3.93 5.62
CA GLY B 46 -2.52 -3.50 4.58
C GLY B 46 -3.94 -3.38 5.12
N ARG B 47 -4.85 -3.21 4.16
CA ARG B 47 -6.29 -3.10 4.47
C ARG B 47 -7.07 -3.83 3.38
N TYR B 48 -8.30 -4.21 3.67
CA TYR B 48 -9.16 -4.92 2.69
C TYR B 48 -10.63 -4.63 3.03
N ASP B 49 -11.47 -4.88 2.05
CA ASP B 49 -12.94 -4.64 2.21
C ASP B 49 -13.50 -5.86 2.94
N SER B 50 -13.87 -5.62 4.19
CA SER B 50 -14.37 -6.69 5.08
C SER B 50 -15.86 -6.94 4.91
N ALA B 51 -16.52 -6.26 4.00
CA ALA B 51 -17.93 -6.48 3.66
C ALA B 51 -18.16 -6.27 2.17
N PRO B 52 -17.58 -7.16 1.39
CA PRO B 52 -17.62 -7.10 -0.08
C PRO B 52 -19.05 -7.20 -0.56
N ALA B 53 -19.25 -6.86 -1.81
CA ALA B 53 -20.62 -6.88 -2.40
C ALA B 53 -20.98 -8.34 -2.66
N SER B 57 -17.84 -7.87 -7.43
CA SER B 57 -17.57 -9.26 -7.10
C SER B 57 -16.28 -9.61 -6.45
N GLY B 58 -15.10 -9.26 -6.88
CA GLY B 58 -13.82 -9.57 -6.17
C GLY B 58 -13.76 -8.69 -4.89
N THR B 59 -12.79 -8.97 -4.05
CA THR B 59 -12.60 -8.26 -2.77
C THR B 59 -11.39 -7.31 -2.91
N ALA B 60 -11.64 -6.03 -2.84
CA ALA B 60 -10.51 -5.05 -2.99
C ALA B 60 -9.59 -5.12 -1.78
N LEU B 61 -8.26 -4.98 -2.04
CA LEU B 61 -7.29 -5.02 -0.95
C LEU B 61 -5.98 -4.34 -1.36
N GLY B 62 -5.10 -4.16 -0.37
CA GLY B 62 -3.78 -3.59 -0.74
C GLY B 62 -2.85 -3.71 0.46
N TRP B 63 -1.56 -3.73 0.19
CA TRP B 63 -0.58 -3.82 1.27
C TRP B 63 0.74 -3.22 0.83
N THR B 64 1.56 -2.96 1.87
CA THR B 64 2.88 -2.36 1.70
C THR B 64 3.95 -3.17 2.42
N VAL B 65 5.13 -3.18 1.80
CA VAL B 65 6.34 -3.76 2.39
C VAL B 65 7.45 -2.71 2.25
N ALA B 66 8.09 -2.30 3.32
CA ALA B 66 9.32 -1.41 3.14
C ALA B 66 10.47 -2.39 3.19
N TRP B 67 11.39 -2.32 2.26
CA TRP B 67 12.44 -3.34 2.16
C TRP B 67 13.59 -3.13 3.11
N LYS B 68 13.28 -3.13 4.40
CA LYS B 68 14.24 -3.05 5.48
C LYS B 68 13.94 -4.12 6.54
N ASN B 69 14.94 -4.89 6.90
CA ASN B 69 14.80 -5.88 8.01
C ASN B 69 16.07 -5.81 8.85
N ASN B 70 16.34 -6.83 9.65
CA ASN B 70 17.54 -6.84 10.50
C ASN B 70 18.82 -7.06 9.70
N TYR B 71 18.71 -7.51 8.47
CA TYR B 71 19.86 -7.87 7.67
C TYR B 71 20.28 -6.89 6.59
N ARG B 72 19.30 -6.28 5.95
CA ARG B 72 19.56 -5.38 4.83
C ARG B 72 18.49 -4.31 4.69
N ASN B 73 18.84 -3.31 3.90
CA ASN B 73 17.91 -2.16 3.67
C ASN B 73 18.17 -1.66 2.24
N ALA B 74 17.17 -1.79 1.41
CA ALA B 74 17.20 -1.42 0.02
C ALA B 74 16.73 0.00 -0.19
N HIS B 75 16.31 0.64 0.90
CA HIS B 75 15.81 2.03 0.81
C HIS B 75 14.75 2.15 -0.29
N SER B 76 13.73 1.32 -0.14
CA SER B 76 12.57 1.32 -1.08
C SER B 76 11.40 0.59 -0.47
N ALA B 77 10.26 0.68 -1.17
CA ALA B 77 9.02 0.05 -0.63
C ALA B 77 8.13 -0.26 -1.84
N THR B 78 7.38 -1.32 -1.73
CA THR B 78 6.43 -1.72 -2.77
C THR B 78 5.01 -1.70 -2.16
N THR B 79 4.09 -1.25 -2.95
CA THR B 79 2.68 -1.30 -2.56
C THR B 79 1.98 -2.17 -3.61
N TRP B 80 1.11 -3.06 -3.17
CA TRP B 80 0.35 -3.92 -4.11
C TRP B 80 -1.14 -3.53 -3.95
N SER B 81 -1.80 -3.37 -5.10
CA SER B 81 -3.26 -2.99 -5.04
C SER B 81 -4.01 -3.99 -5.95
N GLY B 82 -5.08 -4.60 -5.41
CA GLY B 82 -5.74 -5.59 -6.30
C GLY B 82 -7.02 -6.16 -5.70
N GLN B 83 -7.30 -7.37 -6.17
CA GLN B 83 -8.54 -8.03 -5.61
C GLN B 83 -8.28 -9.50 -5.45
N TYR B 84 -8.98 -10.03 -4.43
CA TYR B 84 -8.99 -11.46 -4.07
C TYR B 84 -10.26 -12.02 -4.74
N VAL B 85 -10.08 -13.15 -5.36
CA VAL B 85 -11.19 -13.84 -6.10
C VAL B 85 -11.13 -15.25 -5.51
N GLY B 86 -12.20 -15.60 -4.83
CA GLY B 86 -12.23 -16.91 -4.12
C GLY B 86 -12.72 -17.98 -5.08
N GLY B 87 -12.88 -19.17 -4.50
CA GLY B 87 -13.38 -20.32 -5.31
C GLY B 87 -12.40 -21.49 -5.12
N ALA B 88 -12.61 -22.47 -5.98
CA ALA B 88 -11.85 -23.71 -6.01
C ALA B 88 -10.37 -23.41 -6.19
N GLU B 89 -10.11 -22.48 -7.09
CA GLU B 89 -8.75 -22.04 -7.42
C GLU B 89 -8.60 -20.52 -7.20
N ALA B 90 -8.51 -20.17 -5.94
CA ALA B 90 -8.43 -18.82 -5.43
C ALA B 90 -7.17 -18.10 -5.94
N ARG B 91 -7.37 -16.81 -6.13
CA ARG B 91 -6.26 -15.94 -6.61
C ARG B 91 -6.36 -14.52 -6.08
N ILE B 92 -5.19 -13.87 -5.99
CA ILE B 92 -5.11 -12.45 -5.71
C ILE B 92 -4.42 -11.80 -6.96
N ASN B 93 -5.17 -11.00 -7.65
CA ASN B 93 -4.56 -10.33 -8.88
C ASN B 93 -4.18 -8.91 -8.49
N THR B 94 -2.93 -8.53 -8.70
CA THR B 94 -2.49 -7.21 -8.31
C THR B 94 -1.66 -6.48 -9.39
N GLN B 95 -1.63 -5.19 -9.14
CA GLN B 95 -0.61 -4.32 -9.84
C GLN B 95 0.21 -3.70 -8.71
N TRP B 96 1.47 -3.40 -8.91
CA TRP B 96 2.32 -2.88 -7.83
C TRP B 96 3.15 -1.68 -8.30
N LEU B 97 3.58 -0.91 -7.31
CA LEU B 97 4.45 0.27 -7.55
C LEU B 97 5.65 0.08 -6.56
N LEU B 98 6.84 0.17 -7.06
CA LEU B 98 8.04 0.03 -6.17
C LEU B 98 8.78 1.36 -6.24
N THR B 99 8.82 2.11 -5.16
CA THR B 99 9.50 3.42 -5.18
C THR B 99 10.80 3.33 -4.38
N SER B 100 11.87 3.87 -4.95
CA SER B 100 13.18 3.92 -4.27
C SER B 100 13.39 5.32 -3.71
N GLY B 101 14.08 5.43 -2.59
CA GLY B 101 14.44 6.80 -2.09
C GLY B 101 15.55 7.29 -3.03
N THR B 102 15.37 8.45 -3.59
CA THR B 102 16.37 9.00 -4.54
C THR B 102 16.64 10.47 -4.24
N THR B 103 17.72 10.95 -4.92
CA THR B 103 18.00 12.42 -4.84
C THR B 103 16.93 13.06 -5.72
N GLU B 104 16.81 14.37 -5.61
CA GLU B 104 15.78 15.08 -6.43
C GLU B 104 16.01 14.98 -7.90
N ALA B 105 17.25 14.89 -8.33
CA ALA B 105 17.66 14.80 -9.72
C ALA B 105 17.25 13.48 -10.38
N ASN B 106 17.01 12.47 -9.55
CA ASN B 106 16.70 11.13 -10.07
C ASN B 106 15.25 10.76 -9.74
N ALA B 107 14.58 11.67 -9.10
CA ALA B 107 13.18 11.45 -8.67
C ALA B 107 12.25 11.09 -9.82
N TRP B 108 12.50 11.61 -11.00
CA TRP B 108 11.64 11.31 -12.17
C TRP B 108 11.64 9.83 -12.47
N LYS B 109 12.70 9.11 -12.12
CA LYS B 109 12.78 7.68 -12.43
C LYS B 109 12.86 6.82 -11.18
N SER B 110 12.12 7.22 -10.17
CA SER B 110 12.18 6.49 -8.87
C SER B 110 11.15 5.39 -8.76
N THR B 111 10.20 5.27 -9.69
CA THR B 111 9.10 4.32 -9.45
C THR B 111 8.94 3.26 -10.53
N LEU B 112 9.02 2.02 -10.20
CA LEU B 112 8.78 0.90 -11.16
C LEU B 112 7.31 0.49 -11.03
N VAL B 113 6.70 -0.02 -12.08
CA VAL B 113 5.31 -0.54 -12.05
C VAL B 113 5.32 -1.96 -12.62
N GLY B 114 4.47 -2.82 -12.06
CA GLY B 114 4.38 -4.22 -12.57
C GLY B 114 3.05 -4.83 -12.05
N HIS B 115 2.94 -6.12 -12.32
CA HIS B 115 1.76 -6.90 -11.93
C HIS B 115 2.15 -8.24 -11.38
N ASP B 116 1.47 -8.72 -10.34
CA ASP B 116 1.75 -10.02 -9.71
C ASP B 116 0.40 -10.77 -9.55
N THR B 117 0.49 -12.08 -9.76
CA THR B 117 -0.68 -12.96 -9.50
C THR B 117 -0.26 -13.91 -8.38
N PHE B 118 -1.05 -13.92 -7.31
CA PHE B 118 -0.73 -14.83 -6.17
C PHE B 118 -1.69 -16.03 -6.17
N THR B 119 -1.14 -17.21 -5.89
CA THR B 119 -1.99 -18.41 -5.76
C THR B 119 -1.44 -19.19 -4.55
N LYS B 120 -2.22 -20.19 -4.22
CA LYS B 120 -1.90 -21.05 -3.06
C LYS B 120 -0.99 -22.20 -3.34
N VAL B 121 -0.52 -22.32 -4.58
CA VAL B 121 0.29 -23.49 -4.96
C VAL B 121 1.80 -23.25 -4.82
C1 MHB C . 9.29 -7.19 -5.44
C2 MHB C . 8.48 -8.33 -5.45
C3 MHB C . 7.22 -8.32 -6.08
C4 MHB C . 6.77 -7.16 -6.69
C5 MHB C . 7.57 -6.01 -6.69
C6 MHB C . 8.83 -6.02 -6.09
C1' MHB C . 12.54 -6.12 -4.01
C2' MHB C . 12.94 -7.14 -3.14
C3' MHB C . 14.01 -6.97 -2.26
C4' MHB C . 14.65 -5.74 -2.22
C5' MHB C . 14.33 -4.63 -2.98
C6' MHB C . 13.17 -4.87 -4.00
C MHB C . 8.91 -9.63 -4.75
CM3 MHB C . 14.40 -8.09 -1.27
N1 MHB C . 10.60 -7.22 -4.78
N1' MHB C . 11.41 -6.27 -4.94
O MHB C . 8.08 -10.53 -4.86
OXT MHB C . 10.07 -9.72 -4.00
O4' MHB C . 15.79 -5.60 -1.26
C1 MHB D . -8.53 9.04 -3.59
C2 MHB D . -7.84 10.17 -3.16
C3 MHB D . -6.54 10.43 -3.63
C4 MHB D . -5.97 9.54 -4.54
C5 MHB D . -6.66 8.42 -5.00
C6 MHB D . -7.95 8.16 -4.53
C1' MHB D . -11.91 7.63 -3.25
C2' MHB D . -12.41 8.20 -2.07
C3' MHB D . -13.61 7.76 -1.53
C4' MHB D . -14.31 6.73 -2.16
C5' MHB D . -13.92 6.06 -3.31
C6' MHB D . -12.56 6.60 -3.90
C MHB D . -8.41 11.10 -2.10
CM3 MHB D . -14.15 8.37 -0.23
N1 MHB D . -9.88 8.76 -3.08
N1' MHB D . -10.63 8.05 -3.85
O MHB D . -9.49 10.93 -1.55
OXT MHB D . -7.50 12.12 -1.65
O4' MHB D . -15.61 6.28 -1.56
#